data_3U1J
#
_entry.id   3U1J
#
_cell.length_a   84.789
_cell.length_b   84.789
_cell.length_c   66.031
_cell.angle_alpha   90.00
_cell.angle_beta   90.00
_cell.angle_gamma   120.00
#
_symmetry.space_group_name_H-M   'P 3 2 1'
#
loop_
_entity.id
_entity.type
_entity.pdbx_description
1 polymer 'Serine protease subunit NS2B'
2 polymer 'Serine protease NS3'
3 polymer 'Pancreatic trypsin inhibitor'
4 water water
#
loop_
_entity_poly.entity_id
_entity_poly.type
_entity_poly.pdbx_seq_one_letter_code
_entity_poly.pdbx_strand_id
1 'polypeptide(L)' GPLGSDLTVEKAADVTWEEEAEQTGVSHNLMITVDDDGTMRIKDDETENIL A
2 'polypeptide(L)'
;GGGGSGGGGSGVLWDVPSPPETQKAELEEGVYRIKQQGIFGKTQVGVGVQKEGVFHTMWHVTRGAVLTHNGKRLEPNWAS
VKKDLISYGGGWRLSAQWQKGEEVQVIAVEPGKNPKNFQTMPGTFQTTTGEIGAIALDFKPGTSGSPIINREGKVVGLYG
NGVVTKNGGYVSGIAQTNAEPDGPTPELEEE
;
B
3 'polypeptide(L)' RPDFCLEPPYTGPCKARIIRYFYNAKAGLCQTFVYGGCRAKRNNFKSAEDCMRTCGGA E
#
# COMPACT_ATOMS: atom_id res chain seq x y z
N ASP A 6 6.36 -12.03 -8.89
CA ASP A 6 7.37 -10.92 -9.03
C ASP A 6 6.70 -9.62 -9.39
N LEU A 7 7.09 -8.58 -8.69
CA LEU A 7 6.46 -7.29 -8.88
C LEU A 7 7.30 -6.45 -9.83
N THR A 8 6.66 -5.53 -10.53
CA THR A 8 7.40 -4.53 -11.30
C THR A 8 7.00 -3.14 -10.85
N VAL A 9 7.79 -2.14 -11.26
CA VAL A 9 7.51 -0.77 -10.88
C VAL A 9 7.55 0.17 -12.08
N GLU A 10 6.81 1.27 -11.97
CA GLU A 10 6.87 2.30 -13.01
C GLU A 10 6.70 3.67 -12.37
N LYS A 11 7.60 4.58 -12.71
CA LYS A 11 7.60 5.89 -12.10
C LYS A 11 6.33 6.66 -12.47
N ALA A 12 5.76 7.35 -11.49
CA ALA A 12 4.52 8.09 -11.70
C ALA A 12 4.62 9.56 -11.33
N ALA A 13 5.45 9.89 -10.34
CA ALA A 13 5.54 11.26 -9.83
C ALA A 13 6.85 11.51 -9.10
N ASP A 14 7.17 12.79 -8.92
CA ASP A 14 8.23 13.21 -8.01
C ASP A 14 7.61 13.68 -6.72
N VAL A 15 8.42 13.72 -5.67
CA VAL A 15 7.90 14.10 -4.36
C VAL A 15 7.97 15.62 -4.22
N THR A 16 6.80 16.26 -4.22
CA THR A 16 6.71 17.71 -4.12
C THR A 16 5.43 18.11 -3.42
N TRP A 17 5.54 19.12 -2.56
CA TRP A 17 4.38 19.82 -2.02
C TRP A 17 3.86 20.78 -3.09
N GLU A 18 2.57 20.70 -3.37
CA GLU A 18 1.93 21.55 -4.39
C GLU A 18 1.18 22.69 -3.71
N GLU A 19 1.53 23.94 -4.02
CA GLU A 19 0.87 25.09 -3.38
C GLU A 19 -0.62 25.20 -3.71
N GLU A 20 -1.04 24.65 -4.85
CA GLU A 20 -2.46 24.57 -5.17
C GLU A 20 -2.94 23.12 -5.27
N ALA A 21 -2.61 22.33 -4.26
CA ALA A 21 -3.18 21.00 -4.10
C ALA A 21 -4.67 21.12 -3.81
N GLU A 22 -5.39 20.03 -4.03
CA GLU A 22 -6.80 19.97 -3.69
C GLU A 22 -7.01 20.04 -2.18
N GLN A 23 -7.76 21.05 -1.76
CA GLN A 23 -8.32 21.10 -0.42
C GLN A 23 -9.72 20.48 -0.57
N THR A 24 -10.27 19.82 0.46
CA THR A 24 -9.69 19.72 1.79
C THR A 24 -9.91 18.33 2.35
N GLY A 25 -8.90 17.83 3.05
CA GLY A 25 -9.08 16.71 3.95
C GLY A 25 -9.42 17.23 5.34
N ASP B 15 23.95 -7.39 15.02
CA ASP B 15 25.04 -7.12 14.01
C ASP B 15 25.84 -8.39 13.79
N VAL B 16 26.37 -8.54 12.59
CA VAL B 16 27.16 -9.72 12.21
C VAL B 16 28.39 -9.30 11.43
N PRO B 17 29.44 -10.16 11.39
CA PRO B 17 30.68 -9.76 10.71
C PRO B 17 30.58 -9.64 9.18
N SER B 18 29.73 -10.44 8.54
CA SER B 18 29.68 -10.48 7.08
C SER B 18 28.23 -10.42 6.56
N PRO B 19 27.53 -9.27 6.76
CA PRO B 19 26.13 -9.18 6.37
C PRO B 19 25.92 -9.56 4.91
N PRO B 20 24.85 -10.34 4.62
CA PRO B 20 24.49 -10.74 3.29
C PRO B 20 24.11 -9.52 2.44
N GLU B 21 24.03 -9.74 1.13
CA GLU B 21 23.89 -8.69 0.15
CA GLU B 21 23.86 -8.66 0.15
C GLU B 21 22.68 -8.95 -0.77
N THR B 22 21.88 -7.92 -1.04
CA THR B 22 20.82 -7.99 -2.03
C THR B 22 21.23 -7.11 -3.21
N GLN B 23 20.49 -7.23 -4.31
CA GLN B 23 20.69 -6.35 -5.45
C GLN B 23 20.30 -4.93 -5.04
N LYS B 24 20.95 -3.95 -5.65
CA LYS B 24 20.65 -2.55 -5.38
C LYS B 24 19.38 -2.12 -6.11
N ALA B 25 18.57 -1.27 -5.47
CA ALA B 25 17.40 -0.70 -6.12
C ALA B 25 17.87 0.45 -7.02
N GLU B 26 18.13 0.10 -8.28
CA GLU B 26 18.60 1.07 -9.28
C GLU B 26 17.42 1.78 -9.95
N LEU B 27 16.85 2.71 -9.20
CA LEU B 27 15.67 3.46 -9.60
C LEU B 27 15.91 4.92 -9.31
N GLU B 28 15.47 5.80 -10.20
CA GLU B 28 15.53 7.24 -9.91
C GLU B 28 14.60 7.52 -8.72
N GLU B 29 14.96 8.51 -7.92
CA GLU B 29 14.10 8.93 -6.81
C GLU B 29 12.72 9.34 -7.30
N GLY B 30 11.71 9.04 -6.50
CA GLY B 30 10.35 9.45 -6.82
C GLY B 30 9.30 8.45 -6.41
N VAL B 31 8.08 8.65 -6.91
CA VAL B 31 6.94 7.81 -6.54
C VAL B 31 6.61 6.86 -7.68
N TYR B 32 6.43 5.58 -7.35
CA TYR B 32 6.26 4.50 -8.32
C TYR B 32 4.95 3.75 -8.15
N ARG B 33 4.32 3.39 -9.26
CA ARG B 33 3.27 2.37 -9.22
C ARG B 33 3.94 1.02 -9.09
N ILE B 34 3.38 0.15 -8.24
CA ILE B 34 3.85 -1.22 -8.11
C ILE B 34 2.81 -2.10 -8.81
N LYS B 35 3.27 -2.92 -9.75
CA LYS B 35 2.36 -3.74 -10.55
C LYS B 35 2.58 -5.23 -10.34
N GLN B 36 1.49 -5.98 -10.32
CA GLN B 36 1.56 -7.41 -10.10
C GLN B 36 0.83 -8.15 -11.18
N GLN B 37 1.39 -9.29 -11.57
CA GLN B 37 0.71 -10.23 -12.45
C GLN B 37 -0.35 -10.96 -11.62
N GLY B 38 -1.61 -10.87 -12.03
CA GLY B 38 -2.69 -11.50 -11.27
C GLY B 38 -3.82 -11.93 -12.18
N ILE B 39 -5.03 -11.95 -11.62
CA ILE B 39 -6.20 -12.19 -12.44
C ILE B 39 -6.28 -11.01 -13.40
N PHE B 40 -6.57 -11.33 -14.66
CA PHE B 40 -6.72 -10.37 -15.76
C PHE B 40 -5.41 -9.86 -16.34
N GLY B 41 -4.28 -10.18 -15.75
CA GLY B 41 -3.00 -9.68 -16.25
C GLY B 41 -2.30 -8.78 -15.24
N LYS B 42 -1.55 -7.81 -15.75
CA LYS B 42 -0.75 -6.93 -14.91
CA LYS B 42 -0.73 -6.91 -14.96
C LYS B 42 -1.56 -5.72 -14.46
N THR B 43 -1.64 -5.54 -13.14
CA THR B 43 -2.39 -4.44 -12.57
C THR B 43 -1.61 -3.75 -11.45
N GLN B 44 -1.97 -2.49 -11.18
CA GLN B 44 -1.34 -1.75 -10.10
C GLN B 44 -1.90 -2.25 -8.78
N VAL B 45 -1.03 -2.80 -7.95
CA VAL B 45 -1.44 -3.26 -6.62
CA VAL B 45 -1.41 -3.28 -6.61
C VAL B 45 -1.23 -2.22 -5.53
N GLY B 46 -0.28 -1.32 -5.75
CA GLY B 46 0.03 -0.31 -4.75
C GLY B 46 1.05 0.68 -5.30
N VAL B 47 1.71 1.36 -4.37
CA VAL B 47 2.60 2.49 -4.64
C VAL B 47 3.81 2.40 -3.71
N GLY B 48 4.94 2.93 -4.17
CA GLY B 48 6.15 2.96 -3.37
C GLY B 48 6.94 4.22 -3.63
N VAL B 49 7.92 4.47 -2.76
CA VAL B 49 8.70 5.70 -2.79
C VAL B 49 10.17 5.30 -2.81
N GLN B 50 10.86 5.75 -3.85
CA GLN B 50 12.32 5.56 -3.96
C GLN B 50 12.99 6.80 -3.39
N LYS B 51 13.84 6.59 -2.38
CA LYS B 51 14.61 7.67 -1.77
C LYS B 51 15.95 7.14 -1.30
N GLU B 52 17.00 7.82 -1.75
CA GLU B 52 18.38 7.48 -1.37
C GLU B 52 18.74 6.05 -1.67
N GLY B 53 18.37 5.60 -2.87
CA GLY B 53 18.68 4.26 -3.33
C GLY B 53 17.86 3.14 -2.69
N VAL B 54 16.81 3.49 -1.94
CA VAL B 54 16.01 2.46 -1.27
C VAL B 54 14.54 2.66 -1.65
N PHE B 55 13.88 1.54 -1.96
CA PHE B 55 12.47 1.58 -2.32
C PHE B 55 11.59 1.16 -1.14
N HIS B 56 10.68 2.05 -0.77
CA HIS B 56 9.87 1.93 0.43
C HIS B 56 8.41 1.73 0.06
N THR B 57 7.76 0.75 0.69
CA THR B 57 6.31 0.60 0.52
C THR B 57 5.69 -0.01 1.79
N MET B 58 4.39 -0.29 1.72
CA MET B 58 3.68 -0.96 2.79
C MET B 58 3.73 -2.46 2.59
N TRP B 59 3.91 -3.17 3.70
CA TRP B 59 4.06 -4.62 3.64
C TRP B 59 2.87 -5.31 2.97
N HIS B 60 1.64 -4.90 3.32
CA HIS B 60 0.46 -5.55 2.71
C HIS B 60 0.39 -5.42 1.18
N VAL B 61 1.11 -4.47 0.62
CA VAL B 61 1.14 -4.30 -0.84
C VAL B 61 1.91 -5.42 -1.55
N THR B 62 3.09 -5.76 -1.03
CA THR B 62 3.96 -6.73 -1.70
C THR B 62 4.03 -8.08 -1.00
N ARG B 63 3.69 -8.10 0.28
CA ARG B 63 3.89 -9.24 1.18
C ARG B 63 5.31 -9.81 1.09
N GLY B 64 6.29 -8.93 0.87
CA GLY B 64 7.69 -9.35 0.78
C GLY B 64 8.11 -10.02 -0.52
N ALA B 65 7.28 -9.95 -1.56
CA ALA B 65 7.62 -10.52 -2.86
C ALA B 65 8.80 -9.78 -3.51
N VAL B 66 9.51 -10.48 -4.40
CA VAL B 66 10.66 -9.89 -5.07
C VAL B 66 10.19 -8.83 -6.07
N LEU B 67 10.88 -7.71 -6.13
CA LEU B 67 10.64 -6.75 -7.20
C LEU B 67 11.63 -7.04 -8.32
N THR B 68 11.19 -6.89 -9.56
CA THR B 68 12.09 -7.05 -10.69
C THR B 68 12.17 -5.73 -11.44
N HIS B 69 13.39 -5.33 -11.78
CA HIS B 69 13.64 -4.11 -12.53
C HIS B 69 15.04 -4.17 -13.15
N ASN B 70 15.16 -3.69 -14.39
CA ASN B 70 16.47 -3.62 -15.06
C ASN B 70 17.16 -4.97 -15.19
N GLY B 71 16.37 -6.04 -15.28
CA GLY B 71 16.90 -7.40 -15.30
C GLY B 71 17.43 -7.91 -13.96
N LYS B 72 17.08 -7.23 -12.88
CA LYS B 72 17.57 -7.59 -11.54
C LYS B 72 16.40 -7.95 -10.64
N ARG B 73 16.65 -8.91 -9.74
CA ARG B 73 15.64 -9.31 -8.75
CA ARG B 73 15.67 -9.33 -8.74
C ARG B 73 15.98 -8.68 -7.40
N LEU B 74 15.08 -7.83 -6.92
CA LEU B 74 15.25 -7.06 -5.69
C LEU B 74 14.50 -7.73 -4.52
N GLU B 75 15.27 -8.15 -3.51
CA GLU B 75 14.71 -8.75 -2.32
C GLU B 75 14.55 -7.69 -1.25
N PRO B 76 13.53 -7.83 -0.37
CA PRO B 76 13.45 -6.85 0.73
C PRO B 76 14.67 -6.90 1.65
N ASN B 77 15.20 -5.73 2.00
CA ASN B 77 16.29 -5.65 2.98
C ASN B 77 15.81 -5.55 4.42
N TRP B 78 14.62 -5.01 4.59
CA TRP B 78 14.04 -4.87 5.91
C TRP B 78 12.52 -5.03 5.75
N ALA B 79 11.89 -5.79 6.64
CA ALA B 79 10.44 -5.94 6.59
C ALA B 79 9.84 -6.08 7.97
N SER B 80 8.70 -5.43 8.20
CA SER B 80 7.96 -5.60 9.45
C SER B 80 6.47 -5.69 9.18
N VAL B 81 5.90 -6.88 9.40
CA VAL B 81 4.45 -7.05 9.26
C VAL B 81 3.73 -6.20 10.31
N LYS B 82 4.30 -6.14 11.50
CA LYS B 82 3.71 -5.38 12.61
C LYS B 82 3.59 -3.88 12.29
N LYS B 83 4.65 -3.31 11.72
CA LYS B 83 4.63 -1.90 11.28
C LYS B 83 3.97 -1.69 9.92
N ASP B 84 3.69 -2.79 9.24
CA ASP B 84 3.19 -2.81 7.85
C ASP B 84 4.07 -2.02 6.88
N LEU B 85 5.38 -2.21 6.96
CA LEU B 85 6.33 -1.45 6.14
C LEU B 85 7.42 -2.36 5.65
N ILE B 86 8.02 -2.01 4.52
CA ILE B 86 9.03 -2.87 3.92
C ILE B 86 9.92 -2.03 3.03
N SER B 87 11.21 -2.32 3.04
CA SER B 87 12.11 -1.59 2.16
C SER B 87 13.00 -2.54 1.35
N TYR B 88 13.30 -2.15 0.11
CA TYR B 88 14.09 -2.94 -0.83
C TYR B 88 15.36 -2.17 -1.19
N GLY B 89 16.51 -2.86 -1.19
CA GLY B 89 17.78 -2.24 -1.56
C GLY B 89 18.58 -1.76 -0.38
N GLY B 90 17.92 -1.61 0.77
CA GLY B 90 18.57 -1.15 2.00
C GLY B 90 17.56 -0.96 3.12
N GLY B 91 18.04 -0.51 4.28
CA GLY B 91 17.17 -0.22 5.42
C GLY B 91 16.35 1.04 5.19
N TRP B 92 15.42 1.30 6.09
CA TRP B 92 14.47 2.42 5.97
C TRP B 92 15.20 3.75 5.92
N ARG B 93 14.89 4.59 4.92
CA ARG B 93 15.56 5.90 4.78
C ARG B 93 14.66 7.11 5.00
N LEU B 94 13.36 6.90 5.21
CA LEU B 94 12.43 8.04 5.37
C LEU B 94 12.42 8.50 6.82
N SER B 95 13.17 9.57 7.10
CA SER B 95 13.42 10.02 8.47
C SER B 95 12.44 11.06 9.01
N ALA B 96 11.68 11.73 8.13
CA ALA B 96 10.75 12.78 8.57
C ALA B 96 9.60 12.24 9.43
N GLN B 97 9.21 13.03 10.43
CA GLN B 97 8.11 12.72 11.34
C GLN B 97 7.03 13.77 11.24
N TRP B 98 5.78 13.33 11.23
CA TRP B 98 4.67 14.26 11.27
C TRP B 98 4.59 14.93 12.65
N GLN B 99 4.37 16.23 12.63
CA GLN B 99 4.25 17.04 13.84
C GLN B 99 2.78 17.40 14.02
N LYS B 100 2.21 17.03 15.16
CA LYS B 100 0.81 17.32 15.47
C LYS B 100 0.47 18.77 15.18
N GLY B 101 -0.66 18.98 14.50
CA GLY B 101 -1.12 20.34 14.20
C GLY B 101 -0.65 20.88 12.87
N GLU B 102 0.19 20.14 12.17
CA GLU B 102 0.65 20.57 10.85
C GLU B 102 -0.07 19.84 9.72
N GLU B 103 -0.43 20.59 8.68
CA GLU B 103 -1.10 19.99 7.54
C GLU B 103 -0.12 19.19 6.70
N VAL B 104 -0.64 18.19 6.01
CA VAL B 104 0.16 17.34 5.12
C VAL B 104 -0.48 17.28 3.74
N GLN B 105 0.25 16.79 2.75
CA GLN B 105 -0.36 16.41 1.50
C GLN B 105 -0.17 14.93 1.27
N VAL B 106 -1.15 14.29 0.64
CA VAL B 106 -0.96 12.94 0.13
C VAL B 106 -0.79 13.03 -1.38
N ILE B 107 0.28 12.45 -1.91
CA ILE B 107 0.44 12.32 -3.35
C ILE B 107 -0.25 11.03 -3.77
N ALA B 108 -1.54 11.14 -4.05
CA ALA B 108 -2.37 9.98 -4.33
C ALA B 108 -2.09 9.49 -5.74
N VAL B 109 -1.66 8.24 -5.87
CA VAL B 109 -1.40 7.63 -7.16
C VAL B 109 -2.40 6.50 -7.39
N GLU B 110 -3.59 6.87 -7.86
CA GLU B 110 -4.64 5.91 -8.12
C GLU B 110 -4.40 5.17 -9.44
N PRO B 111 -4.74 3.87 -9.49
CA PRO B 111 -4.64 3.11 -10.74
C PRO B 111 -5.36 3.82 -11.88
N GLY B 112 -4.71 3.86 -13.05
CA GLY B 112 -5.30 4.48 -14.25
C GLY B 112 -5.43 6.00 -14.24
N LYS B 113 -4.96 6.65 -13.18
CA LYS B 113 -5.13 8.10 -13.03
C LYS B 113 -3.80 8.82 -12.87
N ASN B 114 -3.78 10.10 -13.25
CA ASN B 114 -2.62 10.94 -12.99
C ASN B 114 -2.47 11.18 -11.47
N PRO B 115 -1.23 11.17 -10.96
CA PRO B 115 -1.04 11.52 -9.56
C PRO B 115 -1.64 12.89 -9.24
N LYS B 116 -2.20 13.01 -8.04
CA LYS B 116 -2.76 14.28 -7.60
C LYS B 116 -2.47 14.48 -6.11
N ASN B 117 -2.11 15.72 -5.74
CA ASN B 117 -1.89 16.06 -4.33
C ASN B 117 -3.14 16.54 -3.65
N PHE B 118 -3.36 16.04 -2.43
CA PHE B 118 -4.51 16.42 -1.62
C PHE B 118 -4.00 16.90 -0.27
N GLN B 119 -4.43 18.08 0.15
CA GLN B 119 -3.99 18.63 1.41
C GLN B 119 -5.04 18.39 2.50
N THR B 120 -4.57 18.04 3.69
CA THR B 120 -5.47 17.72 4.81
C THR B 120 -4.81 18.03 6.16
N MET B 121 -5.63 18.25 7.18
CA MET B 121 -5.13 18.30 8.56
C MET B 121 -5.38 16.94 9.20
N PRO B 122 -4.30 16.22 9.55
CA PRO B 122 -4.52 14.92 10.18
C PRO B 122 -5.07 15.03 11.60
N GLY B 123 -5.87 14.04 11.99
CA GLY B 123 -6.23 13.82 13.38
C GLY B 123 -5.23 12.84 13.98
N THR B 124 -5.64 12.14 15.04
CA THR B 124 -4.75 11.15 15.64
C THR B 124 -5.49 9.87 16.01
N PHE B 125 -4.79 8.75 15.87
CA PHE B 125 -5.20 7.48 16.45
C PHE B 125 -4.55 7.36 17.81
N GLN B 126 -5.34 6.94 18.80
CA GLN B 126 -4.85 6.76 20.16
C GLN B 126 -4.50 5.29 20.42
N THR B 127 -3.39 5.08 21.15
CA THR B 127 -3.00 3.74 21.57
C THR B 127 -2.34 3.83 22.95
N THR B 128 -2.22 2.68 23.62
CA THR B 128 -1.43 2.54 24.85
C THR B 128 0.07 2.71 24.58
N THR B 129 0.47 2.43 23.33
CA THR B 129 1.83 2.68 22.85
C THR B 129 2.10 4.19 22.83
N GLY B 130 1.49 4.86 21.86
CA GLY B 130 1.59 6.31 21.68
C GLY B 130 0.63 6.78 20.60
N GLU B 131 0.94 7.91 19.97
CA GLU B 131 0.05 8.47 18.95
C GLU B 131 0.56 8.35 17.53
N ILE B 132 -0.39 8.10 16.64
CA ILE B 132 -0.14 8.01 15.21
C ILE B 132 -1.12 8.96 14.51
N GLY B 133 -0.63 9.71 13.53
CA GLY B 133 -1.47 10.59 12.74
C GLY B 133 -2.57 9.82 12.01
N ALA B 134 -3.68 10.51 11.75
CA ALA B 134 -4.86 9.91 11.12
C ALA B 134 -5.32 10.76 9.94
N ILE B 135 -5.32 10.17 8.75
CA ILE B 135 -5.68 10.89 7.51
C ILE B 135 -7.09 10.52 7.08
N ALA B 136 -8.02 11.47 7.16
CA ALA B 136 -9.39 11.22 6.73
C ALA B 136 -9.58 11.53 5.24
N LEU B 137 -8.97 10.69 4.40
CA LEU B 137 -9.09 10.77 2.95
C LEU B 137 -9.28 9.37 2.40
N ASP B 138 -10.15 9.25 1.40
CA ASP B 138 -10.59 7.95 0.91
C ASP B 138 -10.26 7.79 -0.57
N PHE B 139 -9.08 7.27 -0.87
CA PHE B 139 -8.67 7.08 -2.25
C PHE B 139 -9.01 5.70 -2.75
N LYS B 140 -8.97 5.51 -4.08
CA LYS B 140 -9.29 4.20 -4.67
C LYS B 140 -8.30 3.11 -4.24
N PRO B 141 -8.77 1.86 -4.16
CA PRO B 141 -7.87 0.71 -3.97
C PRO B 141 -6.72 0.76 -4.98
N GLY B 142 -5.51 0.51 -4.48
CA GLY B 142 -4.29 0.60 -5.28
C GLY B 142 -3.42 1.77 -4.90
N THR B 143 -3.91 2.60 -3.97
CA THR B 143 -3.19 3.81 -3.51
CA THR B 143 -3.22 3.81 -3.54
C THR B 143 -2.29 3.54 -2.33
N SER B 144 -2.42 2.37 -1.70
CA SER B 144 -1.54 2.01 -0.60
C SER B 144 -0.06 2.21 -0.96
N GLY B 145 0.68 2.88 -0.07
CA GLY B 145 2.09 3.21 -0.32
C GLY B 145 2.28 4.64 -0.83
N SER B 146 1.18 5.32 -1.17
CA SER B 146 1.25 6.74 -1.59
C SER B 146 1.83 7.58 -0.44
N PRO B 147 2.81 8.46 -0.74
CA PRO B 147 3.45 9.20 0.35
C PRO B 147 2.63 10.34 0.93
N ILE B 148 2.76 10.49 2.24
CA ILE B 148 2.21 11.59 2.98
C ILE B 148 3.40 12.50 3.25
N ILE B 149 3.27 13.78 2.89
CA ILE B 149 4.43 14.68 2.91
C ILE B 149 4.21 15.97 3.68
N ASN B 150 5.30 16.55 4.18
CA ASN B 150 5.23 17.86 4.82
C ASN B 150 5.59 18.96 3.81
N ARG B 151 5.56 20.22 4.27
CA ARG B 151 5.74 21.36 3.39
C ARG B 151 7.16 21.49 2.84
N GLU B 152 8.10 20.76 3.42
CA GLU B 152 9.48 20.66 2.92
C GLU B 152 9.63 19.64 1.79
N GLY B 153 8.57 18.91 1.50
CA GLY B 153 8.63 17.86 0.49
C GLY B 153 9.25 16.57 1.02
N LYS B 154 9.21 16.39 2.33
CA LYS B 154 9.74 15.17 2.95
C LYS B 154 8.60 14.23 3.33
N VAL B 155 8.85 12.93 3.22
CA VAL B 155 7.81 11.92 3.42
C VAL B 155 7.71 11.60 4.92
N VAL B 156 6.57 11.93 5.53
CA VAL B 156 6.35 11.65 6.94
C VAL B 156 5.69 10.29 7.18
N GLY B 157 5.24 9.65 6.11
CA GLY B 157 4.63 8.32 6.26
C GLY B 157 3.99 7.89 4.98
N LEU B 158 3.45 6.67 5.00
CA LEU B 158 2.74 6.12 3.87
C LEU B 158 1.27 5.87 4.20
N TYR B 159 0.43 6.09 3.18
CA TYR B 159 -1.02 5.99 3.27
C TYR B 159 -1.47 4.60 2.90
N GLY B 160 -2.46 4.09 3.61
CA GLY B 160 -3.15 2.91 3.13
C GLY B 160 -3.45 1.82 4.14
N ASN B 161 -2.95 1.97 5.38
CA ASN B 161 -3.37 1.07 6.47
C ASN B 161 -4.26 1.85 7.41
N GLY B 162 -5.54 1.50 7.40
CA GLY B 162 -6.55 2.37 8.02
C GLY B 162 -7.66 1.61 8.71
N VAL B 163 -8.80 2.30 8.89
CA VAL B 163 -9.99 1.70 9.46
C VAL B 163 -11.16 2.26 8.70
N VAL B 164 -12.23 1.48 8.58
CA VAL B 164 -13.50 2.01 8.08
C VAL B 164 -14.32 2.41 9.32
N THR B 165 -14.76 3.66 9.37
CA THR B 165 -15.50 4.14 10.53
C THR B 165 -16.96 3.66 10.48
N LYS B 166 -17.68 3.83 11.59
CA LYS B 166 -19.07 3.34 11.66
C LYS B 166 -19.94 3.90 10.53
N ASN B 167 -19.67 5.13 10.10
CA ASN B 167 -20.48 5.77 9.04
C ASN B 167 -19.96 5.57 7.62
N GLY B 168 -19.06 4.59 7.46
CA GLY B 168 -18.54 4.24 6.15
C GLY B 168 -17.37 5.10 5.68
N GLY B 169 -16.87 5.99 6.54
CA GLY B 169 -15.72 6.84 6.18
C GLY B 169 -14.43 6.07 6.36
N TYR B 170 -13.43 6.41 5.56
CA TYR B 170 -12.13 5.76 5.67
C TYR B 170 -11.16 6.70 6.37
N VAL B 171 -10.35 6.15 7.27
CA VAL B 171 -9.29 6.92 7.89
C VAL B 171 -7.99 6.11 7.89
N SER B 172 -6.94 6.65 7.25
CA SER B 172 -5.65 5.95 7.18
C SER B 172 -4.73 6.38 8.32
N GLY B 173 -3.94 5.43 8.84
CA GLY B 173 -2.85 5.82 9.71
C GLY B 173 -1.74 6.46 8.89
N ILE B 174 -0.91 7.28 9.54
CA ILE B 174 0.34 7.72 8.91
C ILE B 174 1.36 6.67 9.32
N ALA B 175 1.68 5.78 8.38
CA ALA B 175 2.56 4.63 8.67
C ALA B 175 4.00 5.05 8.50
N GLN B 176 4.77 4.96 9.58
CA GLN B 176 6.16 5.45 9.55
C GLN B 176 6.98 4.62 10.54
N THR B 177 8.28 4.55 10.29
CA THR B 177 9.21 3.99 11.27
C THR B 177 10.50 4.82 11.26
N ASN B 178 11.34 4.65 12.28
CA ASN B 178 12.61 5.38 12.30
C ASN B 178 13.54 4.95 11.17
N ALA B 179 14.24 5.93 10.59
CA ALA B 179 15.25 5.66 9.57
C ALA B 179 16.43 4.94 10.23
N GLU B 180 17.08 4.06 9.46
CA GLU B 180 18.12 3.15 10.00
C GLU B 180 19.31 3.88 10.64
N ARG C 1 -23.21 -23.63 3.76
CA ARG C 1 -22.85 -24.07 2.38
C ARG C 1 -21.43 -24.64 2.22
N PRO C 2 -20.41 -24.06 2.89
CA PRO C 2 -20.27 -23.16 4.05
C PRO C 2 -20.99 -21.81 3.98
N ASP C 3 -21.49 -21.37 5.13
CA ASP C 3 -22.24 -20.12 5.25
C ASP C 3 -21.45 -18.87 4.83
N PHE C 4 -20.12 -18.92 4.96
CA PHE C 4 -19.28 -17.78 4.55
C PHE C 4 -19.32 -17.53 3.04
N CYS C 5 -19.73 -18.55 2.29
CA CYS C 5 -19.89 -18.45 0.83
C CYS C 5 -21.03 -17.51 0.46
N LEU C 6 -21.92 -17.28 1.42
CA LEU C 6 -23.10 -16.44 1.21
C LEU C 6 -22.90 -14.98 1.62
N GLU C 7 -21.73 -14.69 2.20
CA GLU C 7 -21.46 -13.33 2.67
C GLU C 7 -20.84 -12.49 1.54
N PRO C 8 -21.23 -11.20 1.44
CA PRO C 8 -20.72 -10.32 0.38
C PRO C 8 -19.20 -10.18 0.46
N PRO C 9 -18.54 -9.91 -0.68
CA PRO C 9 -17.08 -9.81 -0.64
C PRO C 9 -16.64 -8.63 0.22
N TYR C 10 -15.45 -8.71 0.82
CA TYR C 10 -15.03 -7.72 1.79
C TYR C 10 -13.67 -7.15 1.39
N THR C 11 -13.64 -5.88 1.00
CA THR C 11 -12.40 -5.23 0.60
C THR C 11 -11.45 -5.03 1.79
N GLY C 12 -12.01 -4.63 2.93
CA GLY C 12 -11.25 -4.44 4.15
C GLY C 12 -10.66 -3.04 4.26
N PRO C 13 -9.90 -2.80 5.34
CA PRO C 13 -9.43 -1.47 5.69
C PRO C 13 -8.06 -1.05 5.11
N CYS C 14 -7.49 -1.85 4.20
CA CYS C 14 -6.23 -1.45 3.54
C CYS C 14 -6.49 -1.10 2.10
N LYS C 15 -5.56 -0.34 1.51
CA LYS C 15 -5.79 0.31 0.22
C LYS C 15 -4.95 -0.27 -0.93
N ALA C 16 -4.56 -1.54 -0.85
CA ALA C 16 -3.97 -2.18 -2.02
C ALA C 16 -5.08 -2.58 -2.99
N ARG C 17 -4.71 -3.00 -4.19
CA ARG C 17 -5.70 -3.44 -5.16
C ARG C 17 -5.32 -4.84 -5.59
N ILE C 18 -5.97 -5.81 -4.97
CA ILE C 18 -5.67 -7.21 -5.22
C ILE C 18 -6.95 -7.87 -5.71
N ILE C 19 -6.95 -8.30 -6.96
CA ILE C 19 -8.16 -8.93 -7.51
C ILE C 19 -8.25 -10.34 -6.95
N ARG C 20 -9.43 -10.66 -6.42
CA ARG C 20 -9.68 -11.97 -5.84
C ARG C 20 -11.02 -12.45 -6.37
N TYR C 21 -11.31 -13.74 -6.17
CA TYR C 21 -12.63 -14.27 -6.46
C TYR C 21 -13.46 -14.39 -5.19
N PHE C 22 -14.76 -14.16 -5.32
CA PHE C 22 -15.72 -14.55 -4.29
C PHE C 22 -16.83 -15.36 -4.93
N TYR C 23 -17.53 -16.15 -4.12
CA TYR C 23 -18.70 -16.88 -4.58
C TYR C 23 -19.94 -15.99 -4.48
N ASN C 24 -20.59 -15.79 -5.61
CA ASN C 24 -21.86 -15.07 -5.68
C ASN C 24 -23.00 -16.07 -5.80
N ALA C 25 -23.61 -16.38 -4.65
CA ALA C 25 -24.64 -17.42 -4.54
C ALA C 25 -25.88 -17.14 -5.37
N LYS C 26 -26.17 -15.85 -5.61
CA LYS C 26 -27.29 -15.45 -6.45
C LYS C 26 -27.06 -15.79 -7.91
N ALA C 27 -25.85 -15.50 -8.39
CA ALA C 27 -25.44 -15.84 -9.74
C ALA C 27 -25.09 -17.33 -9.86
N GLY C 28 -24.80 -17.96 -8.72
CA GLY C 28 -24.38 -19.36 -8.69
C GLY C 28 -22.97 -19.62 -9.24
N LEU C 29 -22.12 -18.61 -9.16
CA LEU C 29 -20.74 -18.73 -9.66
C LEU C 29 -19.81 -17.73 -8.98
N CYS C 30 -18.52 -17.89 -9.26
CA CYS C 30 -17.51 -17.04 -8.68
C CYS C 30 -17.26 -15.83 -9.58
N GLN C 31 -17.14 -14.67 -8.95
CA GLN C 31 -16.89 -13.43 -9.66
C GLN C 31 -15.71 -12.74 -9.00
N THR C 32 -15.19 -11.68 -9.63
CA THR C 32 -14.04 -10.99 -9.06
C THR C 32 -14.45 -9.81 -8.18
N PHE C 33 -13.58 -9.44 -7.25
CA PHE C 33 -13.73 -8.21 -6.48
C PHE C 33 -12.35 -7.70 -6.10
N VAL C 34 -12.29 -6.49 -5.55
CA VAL C 34 -11.03 -5.90 -5.13
C VAL C 34 -10.84 -6.12 -3.64
N TYR C 35 -9.80 -6.86 -3.29
CA TYR C 35 -9.39 -7.02 -1.90
C TYR C 35 -8.28 -6.01 -1.59
N GLY C 36 -8.39 -5.38 -0.42
CA GLY C 36 -7.46 -4.30 -0.02
C GLY C 36 -6.13 -4.73 0.56
N GLY C 37 -5.99 -6.02 0.89
CA GLY C 37 -4.70 -6.50 1.39
C GLY C 37 -4.59 -6.85 2.86
N CYS C 38 -5.59 -6.47 3.66
CA CYS C 38 -5.63 -6.79 5.09
CA CYS C 38 -5.61 -6.85 5.07
C CYS C 38 -7.02 -7.23 5.54
N ARG C 39 -7.07 -8.10 6.54
CA ARG C 39 -8.32 -8.49 7.22
C ARG C 39 -9.31 -9.23 6.33
N ALA C 40 -8.80 -10.10 5.46
CA ALA C 40 -9.65 -10.85 4.54
C ALA C 40 -10.68 -11.68 5.29
N LYS C 41 -11.88 -11.76 4.73
CA LYS C 41 -12.90 -12.71 5.17
C LYS C 41 -12.75 -13.97 4.32
N ARG C 42 -13.50 -15.02 4.68
CA ARG C 42 -13.30 -16.33 4.06
C ARG C 42 -13.76 -16.44 2.60
N ASN C 43 -14.75 -15.64 2.22
CA ASN C 43 -15.21 -15.62 0.82
C ASN C 43 -14.26 -14.78 -0.04
N ASN C 44 -13.09 -15.34 -0.31
CA ASN C 44 -11.98 -14.61 -0.89
C ASN C 44 -10.96 -15.64 -1.38
N PHE C 45 -10.85 -15.80 -2.70
CA PHE C 45 -10.04 -16.87 -3.27
C PHE C 45 -9.07 -16.39 -4.32
N LYS C 46 -7.92 -17.04 -4.42
CA LYS C 46 -6.91 -16.60 -5.37
C LYS C 46 -7.22 -17.08 -6.80
N SER C 47 -8.12 -18.06 -6.91
CA SER C 47 -8.47 -18.63 -8.21
C SER C 47 -9.92 -19.09 -8.25
N ALA C 48 -10.50 -19.04 -9.46
CA ALA C 48 -11.87 -19.51 -9.70
C ALA C 48 -12.04 -20.99 -9.35
N GLU C 49 -11.03 -21.79 -9.71
CA GLU C 49 -10.98 -23.22 -9.41
C GLU C 49 -11.23 -23.47 -7.92
N ASP C 50 -10.39 -22.85 -7.08
CA ASP C 50 -10.48 -22.98 -5.64
C ASP C 50 -11.77 -22.41 -5.06
N CYS C 51 -12.30 -21.37 -5.69
CA CYS C 51 -13.55 -20.76 -5.25
C CYS C 51 -14.73 -21.71 -5.48
N MET C 52 -14.77 -22.32 -6.66
CA MET C 52 -15.83 -23.27 -7.03
C MET C 52 -15.75 -24.57 -6.24
N ARG C 53 -14.53 -24.98 -5.90
CA ARG C 53 -14.31 -26.21 -5.13
C ARG C 53 -14.87 -26.11 -3.71
N THR C 54 -14.72 -24.95 -3.07
CA THR C 54 -15.17 -24.80 -1.69
C THR C 54 -16.60 -24.25 -1.55
N CYS C 55 -17.05 -23.48 -2.55
CA CYS C 55 -18.34 -22.81 -2.47
C CYS C 55 -19.34 -23.22 -3.55
N GLY C 56 -18.86 -23.93 -4.58
CA GLY C 56 -19.70 -24.30 -5.71
C GLY C 56 -20.61 -25.48 -5.45
#